data_6U82
#
_entry.id   6U82
#
_cell.length_a   120.320
_cell.length_b   75.670
_cell.length_c   82.690
_cell.angle_alpha   90.000
_cell.angle_beta   121.600
_cell.angle_gamma   90.000
#
_symmetry.space_group_name_H-M   'C 1 2 1'
#
loop_
_entity.id
_entity.type
_entity.pdbx_description
1 polymer 'Double homeobox protein 4'
2 polymer 'DNA (38-MER)'
#
loop_
_entity_poly.entity_id
_entity_poly.type
_entity_poly.pdbx_seq_one_letter_code
_entity_poly.pdbx_strand_id
1 'polypeptide(L)'
;GRGRRRRLVWTPSQSEALRACFERNPYPGIATRERLAQAIGIPEPRVQIWFQNERSRQLRQHRRESRPWPGRRGPPEGRR
KRTAVTGSQTALLLRAFEKDRFPGIAAREELARETGLPESRIQIWFQNRRARHP
;
A,D
2 'polydeoxyribonucleotide'
;(DG)(DC)(DT)(DA)(DA)(DT)(DC)(DT)(DA)(DA)(DT)(DC)(DA)(DA)(DC)(DC)(DG)(DC)(DA)(DG)
(DG)(DT)(DT)(DG)(DA)(DT)(DT)(DA)(DG)(DC)(DC)(DC)(DA)(DT)(DT)(DA)(DG)(DC)
;
B,E
#
# COMPACT_ATOMS: atom_id res chain seq x y z
N GLY A 3 -4.17 -0.64 43.14
CA GLY A 3 -2.75 -0.36 43.20
C GLY A 3 -2.19 0.14 41.88
N ARG A 4 -1.42 1.22 41.95
CA ARG A 4 -0.83 1.84 40.77
C ARG A 4 0.70 1.87 40.90
N ARG A 5 1.33 2.49 39.90
CA ARG A 5 2.79 2.55 39.87
C ARG A 5 3.32 3.50 40.94
N ARG A 6 4.45 3.13 41.54
CA ARG A 6 5.16 4.02 42.45
C ARG A 6 5.67 5.23 41.69
N ARG A 7 5.30 6.43 42.14
CA ARG A 7 5.60 7.63 41.40
C ARG A 7 7.09 7.93 41.39
N LEU A 8 7.49 8.79 40.46
CA LEU A 8 8.89 9.11 40.22
C LEU A 8 9.29 10.38 40.98
N VAL A 9 10.54 10.41 41.44
CA VAL A 9 11.11 11.55 42.15
C VAL A 9 12.22 12.13 41.29
N TRP A 10 12.19 13.45 41.09
CA TRP A 10 13.12 14.11 40.19
C TRP A 10 14.41 14.51 40.90
N THR A 11 15.47 14.60 40.11
CA THR A 11 16.74 15.15 40.52
C THR A 11 16.93 16.53 39.90
N PRO A 12 17.80 17.37 40.49
CA PRO A 12 17.99 18.72 39.91
C PRO A 12 18.42 18.71 38.45
N SER A 13 19.39 17.87 38.09
CA SER A 13 19.84 17.82 36.70
C SER A 13 18.73 17.33 35.78
N GLN A 14 17.94 16.34 36.23
CA GLN A 14 16.82 15.86 35.43
C GLN A 14 15.81 16.98 35.17
N SER A 15 15.46 17.75 36.21
CA SER A 15 14.51 18.82 36.03
C SER A 15 15.05 19.92 35.12
N GLU A 16 16.33 20.25 35.27
CA GLU A 16 16.95 21.24 34.38
C GLU A 16 16.90 20.78 32.94
N ALA A 17 17.21 19.50 32.69
CA ALA A 17 17.17 18.98 31.33
C ALA A 17 15.74 18.98 30.79
N LEU A 18 14.77 18.60 31.62
CA LEU A 18 13.38 18.62 31.19
C LEU A 18 12.94 20.02 30.79
N ARG A 19 13.26 21.02 31.61
CA ARG A 19 12.87 22.38 31.29
C ARG A 19 13.60 22.90 30.05
N ALA A 20 14.89 22.54 29.89
CA ALA A 20 15.63 22.98 28.72
C ALA A 20 15.08 22.35 27.44
N CYS A 21 14.60 21.11 27.51
CA CYS A 21 14.00 20.48 26.34
C CYS A 21 12.59 20.98 26.08
N PHE A 22 11.86 21.37 27.13
CA PHE A 22 10.52 21.90 26.94
C PHE A 22 10.52 23.32 26.40
N GLU A 23 11.52 24.13 26.77
CA GLU A 23 11.57 25.50 26.26
C GLU A 23 11.81 25.52 24.76
N ARG A 24 12.51 24.53 24.21
CA ARG A 24 12.73 24.48 22.77
C ARG A 24 11.50 23.94 22.04
N ASN A 25 11.01 22.78 22.46
CA ASN A 25 9.85 22.18 21.82
C ASN A 25 8.92 21.56 22.86
N PRO A 26 7.73 22.13 23.06
CA PRO A 26 6.78 21.55 24.01
C PRO A 26 6.07 20.30 23.51
N TYR A 27 6.15 20.01 22.21
CA TYR A 27 5.56 18.80 21.63
C TYR A 27 6.68 17.97 21.01
N PRO A 28 7.46 17.27 21.83
CA PRO A 28 8.59 16.49 21.29
C PRO A 28 8.13 15.16 20.72
N GLY A 29 8.78 14.75 19.63
CA GLY A 29 8.52 13.46 19.04
C GLY A 29 9.15 12.33 19.83
N ILE A 30 8.99 11.11 19.30
CA ILE A 30 9.52 9.95 20.01
C ILE A 30 11.05 10.00 20.04
N ALA A 31 11.68 10.57 19.02
CA ALA A 31 13.13 10.64 18.99
C ALA A 31 13.66 11.50 20.12
N THR A 32 13.15 12.72 20.24
CA THR A 32 13.61 13.62 21.30
C THR A 32 13.28 13.07 22.68
N ARG A 33 12.09 12.47 22.82
CA ARG A 33 11.70 11.90 24.11
C ARG A 33 12.62 10.77 24.52
N GLU A 34 12.93 9.86 23.58
CA GLU A 34 13.82 8.74 23.90
C GLU A 34 15.22 9.23 24.19
N ARG A 35 15.71 10.22 23.44
CA ARG A 35 17.06 10.73 23.70
C ARG A 35 17.14 11.39 25.07
N LEU A 36 16.12 12.18 25.44
CA LEU A 36 16.12 12.82 26.74
C LEU A 36 16.03 11.80 27.86
N ALA A 37 15.15 10.80 27.70
CA ALA A 37 15.03 9.75 28.71
C ALA A 37 16.34 9.00 28.87
N GLN A 38 17.03 8.74 27.75
CA GLN A 38 18.35 8.11 27.82
C GLN A 38 19.36 9.01 28.49
N ALA A 39 19.17 10.33 28.40
CA ALA A 39 20.12 11.28 28.99
C ALA A 39 19.87 11.53 30.47
N ILE A 40 18.68 11.22 30.98
CA ILE A 40 18.34 11.53 32.37
C ILE A 40 18.17 10.31 33.24
N GLY A 41 18.16 9.10 32.67
CA GLY A 41 18.09 7.90 33.47
C GLY A 41 16.69 7.46 33.88
N ILE A 42 15.66 7.91 33.18
CA ILE A 42 14.30 7.47 33.46
C ILE A 42 13.70 6.93 32.16
N PRO A 43 12.69 6.06 32.27
CA PRO A 43 12.08 5.51 31.05
C PRO A 43 11.41 6.58 30.20
N GLU A 44 11.32 6.30 28.91
CA GLU A 44 10.65 7.23 27.99
C GLU A 44 9.17 7.45 28.33
N PRO A 45 8.39 6.45 28.76
CA PRO A 45 7.01 6.74 29.18
C PRO A 45 6.94 7.80 30.26
N ARG A 46 7.90 7.82 31.19
CA ARG A 46 7.89 8.85 32.23
C ARG A 46 8.13 10.23 31.63
N VAL A 47 9.03 10.32 30.65
CA VAL A 47 9.27 11.60 29.97
C VAL A 47 8.01 12.06 29.25
N GLN A 48 7.31 11.14 28.58
CA GLN A 48 6.09 11.50 27.87
C GLN A 48 5.01 11.97 28.85
N ILE A 49 4.86 11.26 29.97
CA ILE A 49 3.87 11.64 30.97
C ILE A 49 4.19 13.01 31.54
N TRP A 50 5.47 13.27 31.84
CA TRP A 50 5.83 14.58 32.37
C TRP A 50 5.61 15.67 31.34
N PHE A 51 5.87 15.39 30.07
CA PHE A 51 5.62 16.40 29.04
C PHE A 51 4.14 16.71 28.92
N GLN A 52 3.30 15.68 28.99
CA GLN A 52 1.85 15.90 28.97
C GLN A 52 1.40 16.74 30.16
N ASN A 53 1.90 16.40 31.36
CA ASN A 53 1.50 17.15 32.55
C ASN A 53 2.02 18.59 32.50
N GLU A 54 3.21 18.79 31.93
CA GLU A 54 3.75 20.14 31.83
C GLU A 54 2.96 20.95 30.82
N ARG A 55 2.53 20.34 29.72
CA ARG A 55 1.64 21.01 28.79
C ARG A 55 0.32 21.39 29.46
N SER A 56 -0.23 20.47 30.26
CA SER A 56 -1.47 20.77 30.97
C SER A 56 -1.29 21.94 31.93
N ARG A 57 -0.19 21.94 32.69
CA ARG A 57 0.05 23.02 33.64
C ARG A 57 0.31 24.34 32.93
N GLN A 58 0.99 24.31 31.78
CA GLN A 58 1.23 25.55 31.03
C GLN A 58 -0.07 26.10 30.45
N LEU A 59 -0.94 25.22 29.95
CA LEU A 59 -2.24 25.67 29.48
C LEU A 59 -3.06 26.26 30.62
N ARG A 60 -3.04 25.60 31.79
CA ARG A 60 -3.75 26.13 32.96
C ARG A 60 -3.18 27.48 33.39
N GLN A 61 -1.86 27.65 33.29
CA GLN A 61 -1.24 28.91 33.68
C GLN A 61 -1.59 30.03 32.70
N HIS A 62 -1.59 29.72 31.40
CA HIS A 62 -2.06 30.70 30.41
C HIS A 62 -3.55 31.00 30.61
N ARG A 63 -4.29 30.03 31.17
CA ARG A 63 -5.69 30.28 31.51
C ARG A 63 -5.79 31.25 32.68
N ARG A 64 -4.95 31.06 33.70
CA ARG A 64 -4.97 31.95 34.87
C ARG A 64 -4.60 33.38 34.48
N GLU A 65 -3.54 33.52 33.69
CA GLU A 65 -3.06 34.84 33.26
C GLU A 65 -3.82 35.40 32.08
N SER A 66 -4.81 34.67 31.56
CA SER A 66 -5.62 35.11 30.41
C SER A 66 -4.74 35.42 29.20
N ARG A 67 -3.77 34.55 28.94
CA ARG A 67 -2.87 34.70 27.81
C ARG A 67 -3.13 33.63 26.77
N PRO A 68 -3.08 33.97 25.49
CA PRO A 68 -3.28 32.95 24.45
C PRO A 68 -2.08 32.01 24.35
N TRP A 69 -2.37 30.75 24.06
CA TRP A 69 -1.33 29.73 23.93
C TRP A 69 -0.87 29.65 22.49
N PRO A 70 0.45 29.61 22.24
CA PRO A 70 0.94 29.54 20.85
C PRO A 70 0.48 28.28 20.13
N GLY A 71 0.78 27.12 20.71
CA GLY A 71 0.36 25.86 20.13
C GLY A 71 1.40 25.23 19.23
N ARG A 72 0.95 24.67 18.11
CA ARG A 72 1.86 24.00 17.19
C ARG A 72 2.67 25.04 16.42
N ARG A 73 3.99 24.98 16.54
CA ARG A 73 4.89 25.82 15.77
C ARG A 73 5.91 24.95 15.06
N GLY A 74 6.02 25.12 13.75
CA GLY A 74 6.88 24.28 12.95
C GLY A 74 6.23 22.95 12.65
N PRO A 75 6.82 22.18 11.73
CA PRO A 75 6.28 20.87 11.40
C PRO A 75 6.32 19.94 12.60
N PRO A 76 5.25 19.17 12.82
CA PRO A 76 5.24 18.24 13.95
C PRO A 76 6.28 17.14 13.78
N GLU A 77 6.94 16.80 14.89
CA GLU A 77 7.95 15.75 14.85
C GLU A 77 7.29 14.38 14.71
N GLY A 78 8.11 13.38 14.39
CA GLY A 78 7.58 12.05 14.16
C GLY A 78 7.10 11.42 15.46
N ARG A 79 5.99 10.70 15.36
CA ARG A 79 5.40 10.02 16.50
C ARG A 79 6.05 8.65 16.69
N ARG A 80 5.61 7.94 17.73
CA ARG A 80 6.09 6.59 17.97
C ARG A 80 5.55 5.65 16.89
N LYS A 81 6.40 4.75 16.42
CA LYS A 81 5.94 3.75 15.45
C LYS A 81 4.89 2.86 16.09
N ARG A 82 3.85 2.54 15.32
CA ARG A 82 2.73 1.78 15.86
C ARG A 82 3.20 0.38 16.24
N THR A 83 2.91 -0.03 17.48
CA THR A 83 3.34 -1.32 17.97
C THR A 83 2.47 -2.42 17.37
N ALA A 84 3.10 -3.36 16.68
CA ALA A 84 2.37 -4.47 16.07
C ALA A 84 2.07 -5.52 17.13
N VAL A 85 0.79 -5.79 17.35
CA VAL A 85 0.33 -6.77 18.33
C VAL A 85 -0.25 -7.96 17.58
N THR A 86 0.27 -9.15 17.86
CA THR A 86 -0.15 -10.36 17.18
C THR A 86 -1.49 -10.84 17.74
N GLY A 87 -1.99 -11.94 17.18
CA GLY A 87 -3.25 -12.50 17.64
C GLY A 87 -3.14 -13.17 18.99
N SER A 88 -2.00 -13.80 19.28
CA SER A 88 -1.84 -14.47 20.57
C SER A 88 -1.77 -13.45 21.70
N GLN A 89 -0.99 -12.37 21.52
CA GLN A 89 -0.92 -11.33 22.53
C GLN A 89 -2.27 -10.63 22.69
N THR A 90 -2.98 -10.42 21.58
CA THR A 90 -4.31 -9.80 21.67
C THR A 90 -5.27 -10.69 22.44
N ALA A 91 -5.23 -12.01 22.19
CA ALA A 91 -6.09 -12.93 22.91
C ALA A 91 -5.75 -12.97 24.40
N LEU A 92 -4.46 -12.92 24.72
CA LEU A 92 -4.06 -12.90 26.13
C LEU A 92 -4.51 -11.62 26.82
N LEU A 93 -4.40 -10.48 26.12
CA LEU A 93 -4.84 -9.21 26.69
C LEU A 93 -6.36 -9.18 26.86
N LEU A 94 -7.09 -9.80 25.93
CA LEU A 94 -8.54 -9.88 26.08
C LEU A 94 -8.93 -10.79 27.23
N ARG A 95 -8.18 -11.89 27.42
CA ARG A 95 -8.44 -12.77 28.56
C ARG A 95 -8.18 -12.07 29.87
N ALA A 96 -7.12 -11.26 29.93
CA ALA A 96 -6.83 -10.49 31.13
C ALA A 96 -7.80 -9.33 31.33
N PHE A 97 -8.41 -8.83 30.24
CA PHE A 97 -9.34 -7.72 30.33
C PHE A 97 -10.68 -8.16 30.91
N GLU A 98 -11.10 -9.40 30.65
CA GLU A 98 -12.35 -9.90 31.18
C GLU A 98 -12.29 -10.05 32.70
N LYS A 99 -11.13 -10.45 33.23
CA LYS A 99 -10.99 -10.62 34.67
C LYS A 99 -10.90 -9.27 35.39
N ASP A 100 -10.10 -8.35 34.86
CA ASP A 100 -9.91 -7.04 35.47
C ASP A 100 -9.79 -6.00 34.37
N ARG A 101 -10.71 -5.04 34.36
CA ARG A 101 -10.65 -3.96 33.38
C ARG A 101 -9.59 -2.92 33.74
N PHE A 102 -9.33 -2.74 35.03
CA PHE A 102 -8.30 -1.82 35.50
C PHE A 102 -7.18 -2.61 36.16
N PRO A 103 -6.23 -3.13 35.39
CA PRO A 103 -5.17 -3.94 36.00
C PRO A 103 -4.19 -3.08 36.79
N GLY A 104 -3.70 -3.64 37.89
CA GLY A 104 -2.73 -2.94 38.72
C GLY A 104 -1.37 -2.88 38.06
N ILE A 105 -0.41 -2.34 38.83
CA ILE A 105 0.95 -2.22 38.31
C ILE A 105 1.60 -3.59 38.19
N ALA A 106 1.34 -4.49 39.15
CA ALA A 106 1.89 -5.83 39.06
C ALA A 106 1.30 -6.61 37.89
N ALA A 107 0.00 -6.43 37.65
CA ALA A 107 -0.63 -7.10 36.51
C ALA A 107 -0.05 -6.60 35.19
N ARG A 108 0.16 -5.29 35.08
CA ARG A 108 0.76 -4.74 33.86
C ARG A 108 2.19 -5.23 33.67
N GLU A 109 2.95 -5.31 34.77
CA GLU A 109 4.32 -5.82 34.66
C GLU A 109 4.33 -7.28 34.24
N GLU A 110 3.40 -8.08 34.78
CA GLU A 110 3.32 -9.49 34.38
C GLU A 110 2.93 -9.63 32.92
N LEU A 111 1.96 -8.83 32.46
CA LEU A 111 1.56 -8.87 31.06
C LEU A 111 2.71 -8.42 30.15
N ALA A 112 3.52 -7.46 30.61
CA ALA A 112 4.66 -7.02 29.81
C ALA A 112 5.73 -8.11 29.75
N ARG A 113 5.98 -8.78 30.87
CA ARG A 113 6.96 -9.88 30.86
C ARG A 113 6.47 -11.05 30.03
N GLU A 114 5.16 -11.26 29.94
CA GLU A 114 4.63 -12.35 29.13
C GLU A 114 4.59 -11.98 27.65
N THR A 115 3.71 -11.05 27.27
CA THR A 115 3.52 -10.73 25.86
C THR A 115 4.76 -10.11 25.23
N GLY A 116 5.70 -9.63 26.03
CA GLY A 116 6.89 -8.98 25.50
C GLY A 116 6.70 -7.55 25.06
N LEU A 117 5.49 -7.02 25.15
CA LEU A 117 5.25 -5.63 24.78
C LEU A 117 5.56 -4.72 25.97
N PRO A 118 5.94 -3.47 25.71
CA PRO A 118 6.22 -2.54 26.82
C PRO A 118 4.99 -2.32 27.68
N GLU A 119 5.24 -2.04 28.96
CA GLU A 119 4.14 -1.83 29.90
C GLU A 119 3.31 -0.61 29.51
N SER A 120 3.96 0.43 29.00
CA SER A 120 3.24 1.62 28.57
C SER A 120 2.30 1.30 27.41
N ARG A 121 2.74 0.47 26.47
CA ARG A 121 1.89 0.09 25.35
C ARG A 121 0.71 -0.75 25.82
N ILE A 122 0.93 -1.61 26.81
CA ILE A 122 -0.18 -2.41 27.34
C ILE A 122 -1.18 -1.52 28.07
N GLN A 123 -0.69 -0.51 28.80
CA GLN A 123 -1.60 0.42 29.45
C GLN A 123 -2.39 1.23 28.43
N ILE A 124 -1.74 1.63 27.32
CA ILE A 124 -2.43 2.33 26.25
C ILE A 124 -3.51 1.43 25.65
N TRP A 125 -3.19 0.15 25.43
CA TRP A 125 -4.17 -0.78 24.88
C TRP A 125 -5.35 -0.94 25.83
N PHE A 126 -5.09 -1.03 27.14
CA PHE A 126 -6.17 -1.16 28.10
C PHE A 126 -7.06 0.08 28.12
N GLN A 127 -6.44 1.27 28.06
CA GLN A 127 -7.22 2.50 28.05
C GLN A 127 -8.04 2.63 26.77
N ASN A 128 -7.52 2.15 25.64
CA ASN A 128 -8.29 2.18 24.41
C ASN A 128 -9.39 1.12 24.41
N ARG A 129 -9.16 -0.01 25.07
CA ARG A 129 -10.16 -1.07 25.11
C ARG A 129 -11.31 -0.75 26.05
N ARG A 130 -11.02 -0.05 27.16
CA ARG A 130 -12.09 0.30 28.09
C ARG A 130 -13.04 1.34 27.51
N ALA A 131 -12.52 2.26 26.69
CA ALA A 131 -13.31 3.34 26.12
C ALA A 131 -13.99 2.94 24.81
N ARG A 132 -13.93 1.67 24.42
CA ARG A 132 -14.52 1.22 23.17
C ARG A 132 -15.37 -0.04 23.29
N HIS A 133 -15.33 -0.75 24.42
CA HIS A 133 -16.11 -1.97 24.62
C HIS A 133 -16.79 -1.91 25.97
N PRO A 134 -17.98 -1.27 26.05
CA PRO A 134 -18.75 -1.16 27.30
C PRO A 134 -19.19 -2.53 27.83
N GLY C 1 -4.35 4.92 -40.25
CA GLY C 1 -3.26 4.93 -41.20
C GLY C 1 -3.22 3.70 -42.08
N ARG C 2 -2.14 3.54 -42.83
CA ARG C 2 -1.94 2.42 -43.74
C ARG C 2 -0.67 1.66 -43.37
N GLY C 3 -0.47 0.53 -44.03
CA GLY C 3 0.68 -0.31 -43.77
C GLY C 3 0.66 -0.94 -42.39
N ARG C 4 -0.11 -2.01 -42.25
CA ARG C 4 -0.26 -2.69 -40.97
C ARG C 4 0.64 -3.92 -40.90
N ARG C 5 0.53 -4.66 -39.81
CA ARG C 5 1.33 -5.86 -39.61
C ARG C 5 0.88 -6.96 -40.57
N ARG C 6 1.84 -7.74 -41.06
CA ARG C 6 1.51 -8.92 -41.85
C ARG C 6 0.76 -9.92 -40.97
N ARG C 7 -0.45 -10.28 -41.38
CA ARG C 7 -1.31 -11.09 -40.54
C ARG C 7 -0.77 -12.51 -40.41
N LEU C 8 -1.29 -13.21 -39.41
CA LEU C 8 -0.83 -14.54 -39.06
C LEU C 8 -1.69 -15.61 -39.72
N VAL C 9 -1.06 -16.71 -40.09
CA VAL C 9 -1.72 -17.86 -40.70
C VAL C 9 -1.61 -19.04 -39.76
N TRP C 10 -2.73 -19.70 -39.48
CA TRP C 10 -2.78 -20.76 -38.49
C TRP C 10 -2.45 -22.11 -39.11
N THR C 11 -1.95 -23.01 -38.27
CA THR C 11 -1.76 -24.41 -38.59
C THR C 11 -2.82 -25.24 -37.88
N PRO C 12 -3.10 -26.45 -38.35
CA PRO C 12 -4.13 -27.28 -37.70
C PRO C 12 -3.88 -27.50 -36.21
N SER C 13 -2.64 -27.83 -35.82
CA SER C 13 -2.34 -28.04 -34.41
C SER C 13 -2.54 -26.76 -33.61
N GLN C 14 -2.18 -25.62 -34.18
CA GLN C 14 -2.37 -24.34 -33.51
C GLN C 14 -3.86 -24.09 -33.25
N SER C 15 -4.70 -24.33 -34.25
CA SER C 15 -6.13 -24.11 -34.09
C SER C 15 -6.73 -25.08 -33.08
N GLU C 16 -6.30 -26.35 -33.11
CA GLU C 16 -6.77 -27.31 -32.12
C GLU C 16 -6.41 -26.88 -30.71
N ALA C 17 -5.16 -26.42 -30.51
CA ALA C 17 -4.75 -25.97 -29.19
C ALA C 17 -5.52 -24.74 -28.75
N LEU C 18 -5.74 -23.79 -29.67
CA LEU C 18 -6.51 -22.60 -29.33
C LEU C 18 -7.93 -22.96 -28.90
N ARG C 19 -8.58 -23.86 -29.64
CA ARG C 19 -9.94 -24.26 -29.27
C ARG C 19 -9.96 -25.02 -27.96
N ALA C 20 -8.96 -25.87 -27.72
CA ALA C 20 -8.90 -26.61 -26.46
C ALA C 20 -8.68 -25.69 -25.27
N CYS C 21 -7.91 -24.62 -25.45
CA CYS C 21 -7.71 -23.66 -24.37
C CYS C 21 -8.92 -22.74 -24.20
N PHE C 22 -9.65 -22.47 -25.28
CA PHE C 22 -10.83 -21.63 -25.18
C PHE C 22 -12.00 -22.37 -24.53
N GLU C 23 -12.09 -23.69 -24.75
CA GLU C 23 -13.17 -24.46 -24.14
C GLU C 23 -13.04 -24.50 -22.62
N ARG C 24 -11.81 -24.43 -22.10
CA ARG C 24 -11.62 -24.44 -20.65
C ARG C 24 -11.91 -23.08 -20.04
N ASN C 25 -11.27 -22.03 -20.55
CA ASN C 25 -11.46 -20.69 -20.02
C ASN C 25 -11.48 -19.67 -21.14
N PRO C 26 -12.62 -19.04 -21.42
CA PRO C 26 -12.67 -18.02 -22.48
C PRO C 26 -12.01 -16.72 -22.08
N TYR C 27 -11.73 -16.50 -20.79
CA TYR C 27 -11.04 -15.32 -20.29
C TYR C 27 -9.74 -15.77 -19.64
N PRO C 28 -8.72 -16.09 -20.44
CA PRO C 28 -7.48 -16.60 -19.85
C PRO C 28 -6.60 -15.48 -19.32
N GLY C 29 -5.95 -15.76 -18.19
CA GLY C 29 -5.02 -14.82 -17.61
C GLY C 29 -3.69 -14.80 -18.32
N ILE C 30 -2.77 -14.01 -17.77
CA ILE C 30 -1.45 -13.88 -18.38
C ILE C 30 -0.68 -15.20 -18.28
N ALA C 31 -0.96 -16.01 -17.25
CA ALA C 31 -0.27 -17.27 -17.10
C ALA C 31 -0.66 -18.24 -18.21
N THR C 32 -1.95 -18.44 -18.42
CA THR C 32 -2.41 -19.34 -19.48
C THR C 32 -2.01 -18.82 -20.86
N ARG C 33 -2.10 -17.50 -21.05
CA ARG C 33 -1.71 -16.93 -22.35
C ARG C 33 -0.23 -17.15 -22.63
N GLU C 34 0.62 -16.92 -21.62
CA GLU C 34 2.05 -17.14 -21.80
C GLU C 34 2.36 -18.61 -22.04
N ARG C 35 1.68 -19.50 -21.32
CA ARG C 35 1.94 -20.92 -21.50
C ARG C 35 1.52 -21.40 -22.89
N LEU C 36 0.34 -20.98 -23.35
CA LEU C 36 -0.14 -21.40 -24.67
C LEU C 36 0.70 -20.80 -25.79
N ALA C 37 0.95 -19.49 -25.73
CA ALA C 37 1.74 -18.84 -26.77
C ALA C 37 3.14 -19.42 -26.85
N GLN C 38 3.75 -19.67 -25.69
CA GLN C 38 5.08 -20.29 -25.68
C GLN C 38 5.02 -21.72 -26.19
N ALA C 39 3.86 -22.38 -26.06
CA ALA C 39 3.71 -23.77 -26.48
C ALA C 39 3.42 -23.93 -27.97
N ILE C 40 2.96 -22.87 -28.65
CA ILE C 40 2.55 -22.97 -30.04
C ILE C 40 3.46 -22.21 -30.98
N GLY C 41 4.41 -21.42 -30.47
CA GLY C 41 5.36 -20.74 -31.31
C GLY C 41 4.93 -19.40 -31.86
N ILE C 42 3.93 -18.76 -31.25
CA ILE C 42 3.53 -17.42 -31.65
C ILE C 42 3.58 -16.51 -30.43
N PRO C 43 3.73 -15.20 -30.63
CA PRO C 43 3.81 -14.29 -29.47
C PRO C 43 2.53 -14.28 -28.67
N GLU C 44 2.66 -13.95 -27.39
CA GLU C 44 1.50 -13.83 -26.52
C GLU C 44 0.53 -12.74 -26.97
N PRO C 45 0.97 -11.57 -27.46
CA PRO C 45 -0.01 -10.61 -28.00
C PRO C 45 -0.90 -11.19 -29.08
N ARG C 46 -0.36 -12.07 -29.93
CA ARG C 46 -1.19 -12.68 -30.97
C ARG C 46 -2.24 -13.60 -30.36
N VAL C 47 -1.86 -14.37 -29.34
CA VAL C 47 -2.83 -15.22 -28.66
C VAL C 47 -3.92 -14.37 -28.01
N GLN C 48 -3.53 -13.25 -27.40
CA GLN C 48 -4.51 -12.38 -26.76
C GLN C 48 -5.48 -11.78 -27.78
N ILE C 49 -4.94 -11.35 -28.94
CA ILE C 49 -5.78 -10.79 -29.99
C ILE C 49 -6.74 -11.84 -30.52
N TRP C 50 -6.25 -13.07 -30.74
CA TRP C 50 -7.13 -14.12 -31.22
C TRP C 50 -8.20 -14.47 -30.20
N PHE C 51 -7.86 -14.45 -28.91
CA PHE C 51 -8.87 -14.73 -27.89
C PHE C 51 -9.94 -13.65 -27.87
N GLN C 52 -9.53 -12.38 -28.01
CA GLN C 52 -10.51 -11.31 -28.09
C GLN C 52 -11.43 -11.48 -29.30
N ASN C 53 -10.85 -11.80 -30.46
CA ASN C 53 -11.66 -11.97 -31.66
C ASN C 53 -12.58 -13.18 -31.55
N GLU C 54 -12.10 -14.25 -30.90
CA GLU C 54 -12.95 -15.43 -30.73
C GLU C 54 -14.08 -15.17 -29.76
N ARG C 55 -13.82 -14.40 -28.69
CA ARG C 55 -14.90 -14.01 -27.81
C ARG C 55 -15.92 -13.15 -28.54
N SER C 56 -15.45 -12.23 -29.38
CA SER C 56 -16.38 -11.41 -30.17
C SER C 56 -17.23 -12.27 -31.10
N ARG C 57 -16.61 -13.24 -31.78
CA ARG C 57 -17.35 -14.10 -32.70
C ARG C 57 -18.33 -15.00 -31.96
N GLN C 58 -17.95 -15.48 -30.78
CA GLN C 58 -18.86 -16.33 -30.00
C GLN C 58 -20.04 -15.52 -29.48
N LEU C 59 -19.80 -14.28 -29.05
CA LEU C 59 -20.89 -13.41 -28.65
C LEU C 59 -21.83 -13.13 -29.81
N ARG C 60 -21.26 -12.87 -31.00
CA ARG C 60 -22.09 -12.65 -32.18
C ARG C 60 -22.91 -13.89 -32.51
N GLN C 61 -22.32 -15.08 -32.35
CA GLN C 61 -23.04 -16.31 -32.66
C GLN C 61 -24.16 -16.57 -31.67
N HIS C 62 -23.92 -16.32 -30.38
CA HIS C 62 -25.00 -16.40 -29.41
C HIS C 62 -26.06 -15.33 -29.67
N ARG C 63 -25.66 -14.21 -30.27
CA ARG C 63 -26.62 -13.17 -30.64
C ARG C 63 -27.52 -13.63 -31.78
N ARG C 64 -26.94 -14.29 -32.79
CA ARG C 64 -27.75 -14.75 -33.92
C ARG C 64 -28.81 -15.75 -33.48
N GLU C 65 -28.42 -16.72 -32.65
CA GLU C 65 -29.35 -17.73 -32.16
C GLU C 65 -30.17 -17.27 -30.97
N SER C 66 -29.99 -16.02 -30.52
CA SER C 66 -30.73 -15.46 -29.40
C SER C 66 -30.56 -16.29 -28.14
N ARG C 67 -29.32 -16.70 -27.87
CA ARG C 67 -29.00 -17.50 -26.70
C ARG C 67 -28.16 -16.69 -25.71
N PRO C 68 -28.42 -16.83 -24.41
CA PRO C 68 -27.62 -16.10 -23.42
C PRO C 68 -26.22 -16.67 -23.30
N TRP C 69 -25.27 -15.78 -23.06
CA TRP C 69 -23.87 -16.18 -22.91
C TRP C 69 -23.55 -16.44 -21.45
N PRO C 70 -22.87 -17.54 -21.13
CA PRO C 70 -22.55 -17.84 -19.73
C PRO C 70 -21.71 -16.76 -19.07
N GLY C 71 -20.55 -16.45 -19.66
CA GLY C 71 -19.71 -15.40 -19.13
C GLY C 71 -18.61 -15.89 -18.20
N ARG C 72 -18.40 -15.16 -17.11
CA ARG C 72 -17.34 -15.48 -16.17
C ARG C 72 -17.70 -16.74 -15.37
N ARG C 73 -16.85 -17.76 -15.47
CA ARG C 73 -17.00 -18.97 -14.68
C ARG C 73 -15.68 -19.23 -13.94
N GLY C 74 -15.77 -19.38 -12.62
CA GLY C 74 -14.60 -19.52 -11.79
C GLY C 74 -13.95 -18.18 -11.53
N PRO C 75 -13.00 -18.14 -10.59
CA PRO C 75 -12.30 -16.89 -10.28
C PRO C 75 -11.51 -16.40 -11.47
N PRO C 76 -11.52 -15.10 -11.75
CA PRO C 76 -10.74 -14.57 -12.87
C PRO C 76 -9.25 -14.74 -12.63
N GLU C 77 -8.54 -15.14 -13.68
CA GLU C 77 -7.11 -15.36 -13.58
C GLU C 77 -6.36 -14.02 -13.50
N GLY C 78 -5.08 -14.12 -13.14
CA GLY C 78 -4.28 -12.92 -12.97
C GLY C 78 -3.97 -12.24 -14.30
N ARG C 79 -3.97 -10.92 -14.28
CA ARG C 79 -3.70 -10.13 -15.46
C ARG C 79 -2.19 -9.93 -15.64
N ARG C 80 -1.81 -9.26 -16.72
CA ARG C 80 -0.42 -8.95 -16.98
C ARG C 80 0.11 -7.93 -15.99
N LYS C 81 1.34 -8.14 -15.53
CA LYS C 81 1.99 -7.18 -14.65
C LYS C 81 2.19 -5.85 -15.35
N ARG C 82 1.95 -4.76 -14.64
CA ARG C 82 2.03 -3.43 -15.24
C ARG C 82 3.45 -3.11 -15.67
N THR C 83 3.61 -2.70 -16.93
CA THR C 83 4.91 -2.39 -17.48
C THR C 83 5.37 -1.03 -16.98
N ALA C 84 6.53 -0.99 -16.32
CA ALA C 84 7.09 0.25 -15.81
C ALA C 84 7.78 0.99 -16.94
N VAL C 85 7.32 2.20 -17.25
CA VAL C 85 7.87 3.03 -18.32
C VAL C 85 8.57 4.22 -17.70
N THR C 86 9.84 4.41 -18.06
CA THR C 86 10.63 5.51 -17.52
C THR C 86 10.27 6.82 -18.23
N GLY C 87 10.92 7.91 -17.80
CA GLY C 87 10.64 9.21 -18.37
C GLY C 87 11.22 9.38 -19.77
N SER C 88 12.38 8.79 -20.03
CA SER C 88 12.99 8.93 -21.35
C SER C 88 12.16 8.24 -22.42
N GLN C 89 11.66 7.04 -22.13
CA GLN C 89 10.81 6.33 -23.09
C GLN C 89 9.52 7.11 -23.33
N THR C 90 8.95 7.69 -22.28
CA THR C 90 7.74 8.49 -22.43
C THR C 90 8.01 9.72 -23.30
N ALA C 91 9.15 10.38 -23.08
CA ALA C 91 9.48 11.55 -23.89
C ALA C 91 9.69 11.16 -25.35
N LEU C 92 10.33 10.02 -25.59
CA LEU C 92 10.53 9.56 -26.98
C LEU C 92 9.19 9.23 -27.63
N LEU C 93 8.28 8.59 -26.89
CA LEU C 93 6.97 8.28 -27.45
C LEU C 93 6.16 9.53 -27.75
N LEU C 94 6.29 10.55 -26.88
CA LEU C 94 5.59 11.81 -27.15
C LEU C 94 6.20 12.54 -28.34
N ARG C 95 7.52 12.46 -28.49
CA ARG C 95 8.18 13.04 -29.66
C ARG C 95 7.75 12.35 -30.95
N ALA C 96 7.59 11.03 -30.90
CA ALA C 96 7.12 10.29 -32.07
C ALA C 96 5.63 10.50 -32.33
N PHE C 97 4.86 10.84 -31.29
CA PHE C 97 3.43 11.04 -31.47
C PHE C 97 3.12 12.35 -32.20
N GLU C 98 3.98 13.37 -32.02
CA GLU C 98 3.76 14.64 -32.70
C GLU C 98 3.93 14.52 -34.21
N LYS C 99 4.83 13.65 -34.66
CA LYS C 99 5.06 13.51 -36.09
C LYS C 99 3.93 12.74 -36.76
N ASP C 100 3.48 11.65 -36.16
CA ASP C 100 2.44 10.80 -36.74
C ASP C 100 1.51 10.31 -35.65
N ARG C 101 0.23 10.64 -35.76
CA ARG C 101 -0.75 10.16 -34.80
C ARG C 101 -1.11 8.70 -35.03
N PHE C 102 -1.05 8.24 -36.27
CA PHE C 102 -1.32 6.84 -36.60
C PHE C 102 -0.04 6.18 -37.09
N PRO C 103 0.84 5.74 -36.20
CA PRO C 103 2.11 5.16 -36.64
C PRO C 103 1.91 3.78 -37.26
N GLY C 104 2.70 3.50 -38.29
CA GLY C 104 2.65 2.22 -38.96
C GLY C 104 3.29 1.13 -38.12
N ILE C 105 3.35 -0.06 -38.71
CA ILE C 105 3.96 -1.20 -38.02
C ILE C 105 5.47 -1.01 -37.92
N ALA C 106 6.09 -0.44 -38.95
CA ALA C 106 7.54 -0.20 -38.92
C ALA C 106 7.92 0.82 -37.86
N ALA C 107 7.09 1.86 -37.69
CA ALA C 107 7.37 2.84 -36.65
C ALA C 107 7.30 2.21 -35.26
N ARG C 108 6.30 1.35 -35.04
CA ARG C 108 6.19 0.67 -33.75
C ARG C 108 7.36 -0.28 -33.53
N GLU C 109 7.80 -0.98 -34.58
CA GLU C 109 8.96 -1.85 -34.44
C GLU C 109 10.22 -1.05 -34.12
N GLU C 110 10.38 0.11 -34.75
CA GLU C 110 11.54 0.95 -34.45
C GLU C 110 11.50 1.47 -33.02
N LEU C 111 10.33 1.90 -32.57
CA LEU C 111 10.19 2.35 -31.18
C LEU C 111 10.44 1.22 -30.20
N ALA C 112 10.07 -0.02 -30.57
CA ALA C 112 10.32 -1.15 -29.70
C ALA C 112 11.81 -1.48 -29.64
N ARG C 113 12.50 -1.40 -30.78
CA ARG C 113 13.94 -1.65 -30.78
C ARG C 113 14.69 -0.54 -30.05
N GLU C 114 14.14 0.68 -30.04
CA GLU C 114 14.80 1.79 -29.33
C GLU C 114 14.52 1.72 -27.83
N THR C 115 13.26 1.95 -27.44
CA THR C 115 12.90 2.02 -26.02
C THR C 115 13.08 0.68 -25.31
N GLY C 116 13.16 -0.42 -26.05
CA GLY C 116 13.29 -1.74 -25.45
C GLY C 116 12.00 -2.33 -24.94
N LEU C 117 10.88 -1.62 -25.04
CA LEU C 117 9.60 -2.15 -24.62
C LEU C 117 8.97 -3.00 -25.73
N PRO C 118 8.14 -3.96 -25.36
CA PRO C 118 7.48 -4.79 -26.38
C PRO C 118 6.60 -3.94 -27.30
N GLU C 119 6.45 -4.42 -28.54
CA GLU C 119 5.65 -3.70 -29.53
C GLU C 119 4.19 -3.61 -29.09
N SER C 120 3.68 -4.66 -28.44
CA SER C 120 2.29 -4.63 -27.98
C SER C 120 2.07 -3.54 -26.95
N ARG C 121 3.03 -3.35 -26.04
CA ARG C 121 2.89 -2.31 -25.03
C ARG C 121 2.93 -0.92 -25.66
N ILE C 122 3.77 -0.75 -26.69
CA ILE C 122 3.82 0.54 -27.38
C ILE C 122 2.52 0.80 -28.12
N GLN C 123 1.94 -0.23 -28.73
CA GLN C 123 0.66 -0.06 -29.39
C GLN C 123 -0.43 0.28 -28.38
N ILE C 124 -0.39 -0.34 -27.20
CA ILE C 124 -1.34 -0.01 -26.14
C ILE C 124 -1.18 1.44 -25.72
N TRP C 125 0.07 1.90 -25.57
CA TRP C 125 0.30 3.29 -25.20
C TRP C 125 -0.21 4.24 -26.26
N PHE C 126 0.00 3.92 -27.54
CA PHE C 126 -0.49 4.78 -28.61
C PHE C 126 -2.02 4.82 -28.63
N GLN C 127 -2.66 3.67 -28.42
CA GLN C 127 -4.13 3.64 -28.39
C GLN C 127 -4.68 4.42 -27.21
N ASN C 128 -3.97 4.40 -26.07
CA ASN C 128 -4.41 5.19 -24.93
C ASN C 128 -4.14 6.68 -25.13
N ARG C 129 -3.08 7.02 -25.86
CA ARG C 129 -2.76 8.42 -26.10
C ARG C 129 -3.66 9.06 -27.15
N ARG C 130 -4.08 8.30 -28.15
CA ARG C 130 -4.96 8.85 -29.18
C ARG C 130 -6.35 9.17 -28.65
N ALA C 131 -6.84 8.38 -27.70
CA ALA C 131 -8.18 8.55 -27.16
C ALA C 131 -8.23 9.53 -25.99
N ARG C 132 -7.13 10.24 -25.72
CA ARG C 132 -7.09 11.19 -24.60
C ARG C 132 -6.54 12.55 -24.97
N HIS C 133 -5.90 12.71 -26.13
CA HIS C 133 -5.35 13.99 -26.57
C HIS C 133 -5.75 14.22 -28.02
N PRO C 134 -6.95 14.76 -28.25
CA PRO C 134 -7.44 15.06 -29.61
C PRO C 134 -6.59 16.10 -30.32
#